data_4CDP
#
_entry.id   4CDP
#
_cell.length_a   106.487
_cell.length_b   106.487
_cell.length_c   90.229
_cell.angle_alpha   90.00
_cell.angle_beta   90.00
_cell.angle_gamma   120.00
#
_symmetry.space_group_name_H-M   'H 3'
#
loop_
_entity.id
_entity.type
_entity.pdbx_description
1 polymer 'PUTATIVE HEME/HEMOGLOBIN TRANSPORT PROTEIN'
2 non-polymer 'FORMIC ACID'
3 non-polymer 'PROTOPORPHYRIN IX CONTAINING FE'
4 non-polymer 1,2-ETHANEDIOL
5 water water
#
_entity_poly.entity_id   1
_entity_poly.type   'polypeptide(L)'
_entity_poly.pdbx_seq_one_letter_code
;MGSSHHHHHHGSMNHYTRWLELKEQNPGKYARDIAGLMNIREAELAFARVTHDAWRMHGDIREILAALESVGETKCICRN
EYAVHEQVGTFTNQHLNGHAGLILNPRALDLRLFLNQWASVFHIKENTARGERQSIQFFDHQGDALLKVYATDNTDMAAW
SELLARFITDENTPLELKAVDAPVVQTRADATVVEQEWRAMTDVHQFFTLLKRHNLTRQQAFNLVADDLACKVSNSALAQ
ILESAQQDGNEIMVFVGNRGCVQIFTGVVEKVVPMKGWLNIFNPTFTLHLLEESIAEAWVTRKPTSDGYVTSLELFAHDG
TQIAQLYGQRTEGEQEQAQWRKQIASLIPEGVAA
;
_entity_poly.pdbx_strand_id   A
#
loop_
_chem_comp.id
_chem_comp.type
_chem_comp.name
_chem_comp.formula
EDO non-polymer 1,2-ETHANEDIOL 'C2 H6 O2'
FMT non-polymer 'FORMIC ACID' 'C H2 O2'
HEM non-polymer 'PROTOPORPHYRIN IX CONTAINING FE' 'C34 H32 Fe N4 O4'
#
# COMPACT_ATOMS: atom_id res chain seq x y z
N GLY A 11 -12.30 11.83 -26.49
CA GLY A 11 -11.64 11.62 -25.17
C GLY A 11 -11.42 10.16 -24.82
N SER A 12 -12.47 9.52 -24.32
CA SER A 12 -12.30 8.21 -23.71
C SER A 12 -12.35 7.06 -24.73
N MET A 13 -13.00 7.25 -25.88
CA MET A 13 -12.86 6.24 -26.92
C MET A 13 -11.42 6.27 -27.36
N ASN A 14 -10.87 7.46 -27.60
CA ASN A 14 -9.49 7.47 -28.07
C ASN A 14 -8.57 6.86 -27.04
N HIS A 15 -8.84 7.09 -25.75
CA HIS A 15 -8.02 6.49 -24.71
C HIS A 15 -8.13 4.98 -24.71
N TYR A 16 -9.33 4.45 -24.91
CA TYR A 16 -9.50 3.01 -24.95
C TYR A 16 -8.68 2.33 -26.09
N THR A 17 -8.82 2.89 -27.30
CA THR A 17 -8.09 2.45 -28.48
C THR A 17 -6.59 2.50 -28.24
N ARG A 18 -6.14 3.63 -27.71
CA ARG A 18 -4.73 3.80 -27.49
C ARG A 18 -4.20 2.81 -26.48
N TRP A 19 -5.00 2.57 -25.43
CA TRP A 19 -4.64 1.53 -24.44
C TRP A 19 -4.52 0.15 -25.12
N LEU A 20 -5.43 -0.17 -26.05
CA LEU A 20 -5.34 -1.49 -26.74
C LEU A 20 -4.05 -1.55 -27.56
N GLU A 21 -3.71 -0.46 -28.22
CA GLU A 21 -2.45 -0.38 -28.99
C GLU A 21 -1.24 -0.54 -28.10
N LEU A 22 -1.20 0.23 -27.01
CA LEU A 22 -0.02 0.25 -26.16
C LEU A 22 0.17 -1.06 -25.41
N LYS A 23 -0.94 -1.72 -25.09
CA LYS A 23 -0.91 -3.00 -24.38
C LYS A 23 -0.29 -4.09 -25.27
N GLU A 24 -0.65 -4.08 -26.56
CA GLU A 24 -0.16 -5.04 -27.58
C GLU A 24 1.32 -4.80 -27.79
N GLN A 25 1.70 -3.52 -27.78
CA GLN A 25 3.11 -3.16 -27.99
C GLN A 25 3.98 -3.42 -26.77
N ASN A 26 3.36 -3.41 -25.59
CA ASN A 26 4.09 -3.50 -24.32
C ASN A 26 3.48 -4.57 -23.41
N PRO A 27 3.57 -5.85 -23.81
CA PRO A 27 2.87 -6.90 -23.08
C PRO A 27 3.35 -7.07 -21.64
N GLY A 28 4.53 -6.54 -21.36
CA GLY A 28 5.06 -6.62 -20.02
C GLY A 28 4.55 -5.53 -19.08
N LYS A 29 3.83 -4.58 -19.63
CA LYS A 29 3.39 -3.41 -18.85
C LYS A 29 1.93 -3.49 -18.49
N TYR A 30 1.59 -2.96 -17.32
CA TYR A 30 0.24 -3.06 -16.82
C TYR A 30 -0.53 -1.75 -16.97
N ALA A 31 -1.80 -1.76 -16.57
CA ALA A 31 -2.69 -0.63 -16.74
C ALA A 31 -2.10 0.67 -16.16
N ARG A 32 -1.49 0.61 -14.98
CA ARG A 32 -0.94 1.80 -14.37
C ARG A 32 0.16 2.38 -15.26
N ASP A 33 1.02 1.52 -15.77
CA ASP A 33 2.14 1.96 -16.61
C ASP A 33 1.66 2.54 -17.93
N ILE A 34 0.62 1.93 -18.49
CA ILE A 34 0.08 2.46 -19.77
C ILE A 34 -0.66 3.77 -19.62
N ALA A 35 -1.38 3.92 -18.51
CA ALA A 35 -1.96 5.22 -18.15
C ALA A 35 -0.84 6.25 -18.05
N GLY A 36 0.27 5.86 -17.41
CA GLY A 36 1.41 6.75 -17.34
C GLY A 36 1.96 7.15 -18.70
N LEU A 37 2.07 6.19 -19.63
CA LEU A 37 2.59 6.49 -20.97
C LEU A 37 1.64 7.46 -21.69
N MET A 38 0.36 7.39 -21.35
CA MET A 38 -0.65 8.24 -21.97
C MET A 38 -0.80 9.59 -21.26
N ASN A 39 -0.09 9.75 -20.14
CA ASN A 39 -0.18 10.99 -19.35
C ASN A 39 -1.56 11.24 -18.82
N ILE A 40 -2.25 10.15 -18.46
CA ILE A 40 -3.55 10.23 -17.83
C ILE A 40 -3.53 9.46 -16.51
N ARG A 41 -4.48 9.77 -15.63
CA ARG A 41 -4.56 9.07 -14.36
C ARG A 41 -5.18 7.70 -14.57
N GLU A 42 -4.87 6.75 -13.70
CA GLU A 42 -5.34 5.38 -13.94
C GLU A 42 -6.88 5.30 -13.89
N ALA A 43 -7.53 6.11 -13.03
CA ALA A 43 -8.99 6.09 -12.97
C ALA A 43 -9.56 6.50 -14.36
N GLU A 44 -8.84 7.35 -15.10
CA GLU A 44 -9.31 7.77 -16.45
C GLU A 44 -9.22 6.60 -17.42
N LEU A 45 -8.26 5.71 -17.21
CA LEU A 45 -8.17 4.53 -18.09
C LEU A 45 -9.28 3.53 -17.76
N ALA A 46 -9.57 3.34 -16.47
CA ALA A 46 -10.71 2.53 -16.08
C ALA A 46 -12.01 3.12 -16.68
N PHE A 47 -12.14 4.44 -16.57
CA PHE A 47 -13.33 5.13 -17.11
C PHE A 47 -13.48 4.85 -18.61
N ALA A 48 -12.37 4.94 -19.36
CA ALA A 48 -12.36 4.72 -20.81
C ALA A 48 -12.74 3.28 -21.16
N ARG A 49 -12.49 2.35 -20.22
CA ARG A 49 -12.77 0.94 -20.47
C ARG A 49 -14.23 0.56 -20.19
N VAL A 50 -15.00 1.48 -19.61
CA VAL A 50 -16.44 1.25 -19.47
C VAL A 50 -17.08 1.12 -20.87
N THR A 51 -18.04 0.21 -20.99
CA THR A 51 -18.66 -0.24 -22.26
C THR A 51 -17.81 -1.30 -22.97
N HIS A 52 -16.64 -1.59 -22.41
CA HIS A 52 -15.75 -2.59 -23.01
C HIS A 52 -15.51 -3.72 -22.00
N ASP A 53 -14.57 -3.51 -21.09
CA ASP A 53 -14.28 -4.52 -20.06
C ASP A 53 -14.28 -3.98 -18.64
N ALA A 54 -14.88 -2.79 -18.46
CA ALA A 54 -15.07 -2.21 -17.12
C ALA A 54 -16.52 -1.80 -16.93
N TRP A 55 -16.93 -1.73 -15.66
CA TRP A 55 -18.27 -1.30 -15.27
C TRP A 55 -18.10 -0.36 -14.09
N ARG A 56 -18.76 0.78 -14.12
CA ARG A 56 -18.72 1.71 -12.98
C ARG A 56 -19.49 1.07 -11.83
N MET A 57 -19.03 1.32 -10.60
CA MET A 57 -19.78 0.94 -9.40
C MET A 57 -20.10 2.19 -8.57
N HIS A 58 -21.16 2.08 -7.79
CA HIS A 58 -21.58 3.17 -6.91
CA HIS A 58 -21.50 3.18 -6.88
C HIS A 58 -22.06 2.61 -5.57
N GLY A 59 -22.04 3.45 -4.56
CA GLY A 59 -22.54 3.08 -3.25
C GLY A 59 -21.66 3.61 -2.14
N ASP A 60 -22.18 3.51 -0.93
CA ASP A 60 -21.42 3.93 0.24
C ASP A 60 -20.15 3.08 0.36
N ILE A 61 -19.00 3.73 0.42
CA ILE A 61 -17.74 2.97 0.37
C ILE A 61 -17.65 1.94 1.51
N ARG A 62 -18.09 2.30 2.71
CA ARG A 62 -18.07 1.32 3.79
C ARG A 62 -18.98 0.12 3.54
N GLU A 63 -20.12 0.37 2.89
CA GLU A 63 -21.04 -0.71 2.58
C GLU A 63 -20.44 -1.66 1.52
N ILE A 64 -19.74 -1.09 0.55
CA ILE A 64 -19.07 -1.92 -0.46
C ILE A 64 -17.97 -2.76 0.22
N LEU A 65 -17.16 -2.12 1.04
CA LEU A 65 -16.09 -2.84 1.73
C LEU A 65 -16.65 -3.94 2.63
N ALA A 66 -17.72 -3.63 3.35
CA ALA A 66 -18.36 -4.64 4.18
C ALA A 66 -18.89 -5.80 3.35
N ALA A 67 -19.42 -5.48 2.16
CA ALA A 67 -19.94 -6.53 1.27
C ALA A 67 -18.83 -7.49 0.80
N LEU A 68 -17.58 -7.00 0.74
CA LEU A 68 -16.48 -7.88 0.31
C LEU A 68 -16.25 -9.03 1.27
N GLU A 69 -16.65 -8.89 2.54
CA GLU A 69 -16.51 -10.01 3.47
C GLU A 69 -17.24 -11.26 2.93
N SER A 70 -18.32 -11.05 2.16
CA SER A 70 -19.14 -12.19 1.70
C SER A 70 -18.45 -13.02 0.61
N VAL A 71 -17.39 -12.49 -0.03
CA VAL A 71 -16.83 -13.20 -1.19
C VAL A 71 -15.73 -14.20 -0.81
N GLY A 72 -15.26 -14.16 0.43
CA GLY A 72 -14.18 -15.06 0.83
C GLY A 72 -12.82 -14.61 0.31
N GLU A 73 -12.00 -15.57 -0.10
CA GLU A 73 -10.64 -15.25 -0.50
C GLU A 73 -10.59 -14.28 -1.66
N THR A 74 -9.64 -13.35 -1.58
CA THR A 74 -9.34 -12.42 -2.68
C THR A 74 -7.83 -12.25 -2.71
N LYS A 75 -7.34 -11.67 -3.78
CA LYS A 75 -5.93 -11.24 -3.84
C LYS A 75 -5.95 -9.74 -4.00
N CYS A 76 -5.41 -9.06 -3.00
CA CYS A 76 -5.39 -7.59 -2.98
C CYS A 76 -4.05 -6.96 -3.30
N ILE A 77 -4.09 -5.97 -4.18
CA ILE A 77 -2.89 -5.30 -4.56
C ILE A 77 -3.00 -3.84 -4.11
N CYS A 78 -2.03 -3.41 -3.33
CA CYS A 78 -1.95 -2.03 -2.88
C CYS A 78 -0.56 -1.56 -3.28
N ARG A 79 -0.45 -0.38 -3.87
CA ARG A 79 0.86 0.08 -4.32
C ARG A 79 1.03 1.57 -4.32
N ASN A 80 2.27 1.99 -4.46
CA ASN A 80 2.59 3.34 -4.88
C ASN A 80 3.44 3.24 -6.16
N GLU A 81 4.03 4.33 -6.61
CA GLU A 81 4.76 4.28 -7.88
C GLU A 81 5.93 3.27 -7.83
N TYR A 82 6.45 3.03 -6.62
CA TYR A 82 7.78 2.39 -6.49
C TYR A 82 7.74 1.02 -5.83
N ALA A 83 6.62 0.66 -5.24
CA ALA A 83 6.49 -0.61 -4.53
C ALA A 83 5.09 -1.14 -4.66
N VAL A 84 5.00 -2.44 -4.87
CA VAL A 84 3.74 -3.12 -5.10
C VAL A 84 3.60 -4.25 -4.06
N HIS A 85 2.46 -4.31 -3.39
CA HIS A 85 2.25 -5.20 -2.26
C HIS A 85 1.02 -6.05 -2.62
N GLU A 86 1.20 -7.36 -2.70
CA GLU A 86 0.12 -8.25 -3.09
C GLU A 86 -0.12 -9.24 -1.96
N GLN A 87 -1.36 -9.35 -1.49
CA GLN A 87 -1.67 -10.20 -0.34
C GLN A 87 -2.95 -10.98 -0.62
N VAL A 88 -2.90 -12.31 -0.45
CA VAL A 88 -4.09 -13.15 -0.53
C VAL A 88 -4.74 -13.20 0.87
N GLY A 89 -6.06 -13.01 0.94
CA GLY A 89 -6.73 -13.10 2.22
C GLY A 89 -8.17 -12.61 2.13
N THR A 90 -8.78 -12.39 3.28
CA THR A 90 -10.22 -12.12 3.36
C THR A 90 -10.50 -10.78 4.02
N PHE A 91 -11.61 -10.16 3.60
CA PHE A 91 -12.06 -8.89 4.19
C PHE A 91 -12.83 -9.15 5.51
N THR A 92 -12.15 -9.82 6.43
CA THR A 92 -12.70 -10.12 7.75
C THR A 92 -12.21 -9.13 8.81
N ASN A 93 -12.88 -9.14 9.97
CA ASN A 93 -12.51 -8.28 11.10
CA ASN A 93 -12.46 -8.29 11.10
C ASN A 93 -12.38 -6.81 10.71
N GLN A 94 -13.46 -6.30 10.12
CA GLN A 94 -13.53 -4.90 9.70
C GLN A 94 -13.87 -3.99 10.86
N HIS A 95 -13.18 -2.84 10.89
CA HIS A 95 -13.50 -1.74 11.81
C HIS A 95 -13.35 -0.46 11.05
N LEU A 96 -14.39 -0.11 10.28
CA LEU A 96 -14.26 0.96 9.30
C LEU A 96 -14.71 2.31 9.82
N ASN A 97 -15.22 2.39 11.06
CA ASN A 97 -16.04 3.55 11.39
C ASN A 97 -15.29 4.64 12.12
N GLY A 98 -14.02 4.41 12.45
CA GLY A 98 -13.32 5.35 13.31
C GLY A 98 -12.75 6.51 12.51
N HIS A 99 -11.79 7.22 13.12
CA HIS A 99 -11.03 8.26 12.42
C HIS A 99 -10.37 7.75 11.15
N ALA A 100 -9.80 6.56 11.24
CA ALA A 100 -9.30 5.87 10.06
C ALA A 100 -9.85 4.47 10.15
N GLY A 101 -9.90 3.78 9.02
CA GLY A 101 -10.53 2.47 9.00
C GLY A 101 -9.45 1.40 9.07
N LEU A 102 -9.87 0.23 9.55
CA LEU A 102 -8.95 -0.89 9.43
C LEU A 102 -9.64 -2.21 9.16
N ILE A 103 -8.89 -3.08 8.50
CA ILE A 103 -9.33 -4.45 8.26
C ILE A 103 -8.21 -5.30 8.84
N LEU A 104 -8.49 -5.84 10.03
CA LEU A 104 -7.43 -6.26 10.95
C LEU A 104 -7.22 -7.79 10.92
N ASN A 105 -6.24 -8.22 10.15
CA ASN A 105 -5.91 -9.66 10.07
C ASN A 105 -4.40 -9.80 9.95
N PRO A 106 -3.69 -9.68 11.09
CA PRO A 106 -2.24 -9.81 11.08
C PRO A 106 -1.83 -11.12 10.40
N ARG A 107 -0.85 -11.04 9.50
CA ARG A 107 -0.35 -12.23 8.74
C ARG A 107 -1.24 -12.66 7.58
N ALA A 108 -2.36 -11.95 7.38
CA ALA A 108 -3.21 -12.17 6.21
C ALA A 108 -3.54 -10.80 5.66
N LEU A 109 -4.80 -10.52 5.31
CA LEU A 109 -5.12 -9.23 4.68
C LEU A 109 -5.30 -8.17 5.74
N ASP A 110 -4.37 -7.24 5.79
CA ASP A 110 -4.23 -6.33 6.91
C ASP A 110 -4.11 -4.95 6.30
N LEU A 111 -5.19 -4.15 6.40
CA LEU A 111 -5.29 -2.88 5.69
C LEU A 111 -5.58 -1.75 6.65
N ARG A 112 -5.03 -0.58 6.34
CA ARG A 112 -5.35 0.65 7.10
C ARG A 112 -5.87 1.62 6.03
N LEU A 113 -7.02 2.21 6.32
CA LEU A 113 -7.79 2.92 5.29
CA LEU A 113 -7.80 2.91 5.29
C LEU A 113 -8.05 4.37 5.69
N PHE A 114 -7.77 5.29 4.77
CA PHE A 114 -8.11 6.69 4.98
C PHE A 114 -9.26 7.06 4.05
N LEU A 115 -10.47 6.73 4.49
CA LEU A 115 -11.60 6.64 3.57
C LEU A 115 -12.07 7.96 2.97
N ASN A 116 -11.64 9.09 3.54
CA ASN A 116 -11.97 10.39 2.93
C ASN A 116 -11.29 10.54 1.58
N GLN A 117 -10.27 9.70 1.30
CA GLN A 117 -9.59 9.76 -0.01
C GLN A 117 -10.26 8.93 -1.08
N TRP A 118 -11.26 8.13 -0.72
CA TRP A 118 -11.79 7.12 -1.67
C TRP A 118 -12.91 7.73 -2.53
N ALA A 119 -12.72 7.70 -3.85
CA ALA A 119 -13.54 8.48 -4.76
C ALA A 119 -14.39 7.71 -5.72
N SER A 120 -13.76 6.85 -6.50
CA SER A 120 -14.47 6.08 -7.55
C SER A 120 -14.11 4.60 -7.47
N VAL A 121 -14.98 3.78 -8.04
CA VAL A 121 -14.87 2.32 -7.96
C VAL A 121 -15.31 1.74 -9.29
N PHE A 122 -14.55 0.77 -9.81
CA PHE A 122 -14.87 0.10 -11.05
C PHE A 122 -14.70 -1.40 -10.89
N HIS A 123 -15.53 -2.15 -11.60
CA HIS A 123 -15.30 -3.57 -11.78
C HIS A 123 -14.67 -3.79 -13.15
N ILE A 124 -13.62 -4.61 -13.18
CA ILE A 124 -13.00 -4.96 -14.48
C ILE A 124 -13.03 -6.46 -14.69
N LYS A 125 -13.52 -6.88 -15.84
CA LYS A 125 -13.48 -8.30 -16.19
C LYS A 125 -12.78 -8.40 -17.52
N GLU A 126 -11.54 -8.83 -17.50
CA GLU A 126 -10.63 -8.61 -18.62
C GLU A 126 -9.96 -9.92 -19.07
N ASN A 127 -9.58 -9.97 -20.34
CA ASN A 127 -8.74 -11.06 -20.84
C ASN A 127 -7.29 -10.75 -20.54
N THR A 128 -6.53 -11.75 -20.15
CA THR A 128 -5.09 -11.56 -19.94
C THR A 128 -4.35 -12.75 -20.54
N ALA A 129 -3.02 -12.65 -20.56
CA ALA A 129 -2.18 -13.79 -20.98
C ALA A 129 -2.37 -15.05 -20.12
N ARG A 130 -2.80 -14.88 -18.87
CA ARG A 130 -3.05 -16.01 -17.98
C ARG A 130 -4.54 -16.33 -17.84
N GLY A 131 -5.36 -15.74 -18.70
CA GLY A 131 -6.78 -16.02 -18.70
C GLY A 131 -7.54 -14.87 -18.07
N GLU A 132 -8.85 -15.07 -17.92
CA GLU A 132 -9.74 -14.00 -17.49
C GLU A 132 -9.44 -13.61 -16.04
N ARG A 133 -9.42 -12.31 -15.77
CA ARG A 133 -9.28 -11.82 -14.40
C ARG A 133 -10.45 -10.90 -14.10
N GLN A 134 -10.98 -11.02 -12.89
CA GLN A 134 -12.03 -10.11 -12.41
C GLN A 134 -11.53 -9.36 -11.19
N SER A 135 -11.84 -8.10 -11.12
CA SER A 135 -11.43 -7.28 -10.00
C SER A 135 -12.43 -6.19 -9.70
N ILE A 136 -12.28 -5.63 -8.50
CA ILE A 136 -12.97 -4.42 -8.09
C ILE A 136 -11.89 -3.44 -7.69
N GLN A 137 -11.86 -2.26 -8.31
CA GLN A 137 -10.73 -1.35 -8.21
C GLN A 137 -11.19 0.00 -7.69
N PHE A 138 -10.47 0.51 -6.68
CA PHE A 138 -10.83 1.75 -5.98
C PHE A 138 -9.81 2.82 -6.34
N PHE A 139 -10.27 4.04 -6.59
CA PHE A 139 -9.40 5.15 -6.99
C PHE A 139 -9.69 6.37 -6.13
N ASP A 140 -8.69 7.22 -5.97
CA ASP A 140 -8.81 8.39 -5.12
C ASP A 140 -9.25 9.66 -5.90
N HIS A 141 -9.32 10.80 -5.23
CA HIS A 141 -9.78 12.04 -5.84
C HIS A 141 -8.81 12.57 -6.87
N GLN A 142 -7.56 12.09 -6.84
CA GLN A 142 -6.58 12.48 -7.85
C GLN A 142 -6.65 11.56 -9.09
N GLY A 143 -7.39 10.46 -8.95
CA GLY A 143 -7.49 9.47 -10.03
C GLY A 143 -6.44 8.36 -9.93
N ASP A 144 -5.73 8.28 -8.80
CA ASP A 144 -4.68 7.23 -8.61
C ASP A 144 -5.35 6.01 -7.96
N ALA A 145 -4.82 4.83 -8.27
CA ALA A 145 -5.30 3.61 -7.62
C ALA A 145 -5.08 3.65 -6.10
N LEU A 146 -6.07 3.16 -5.37
CA LEU A 146 -5.93 2.95 -3.93
C LEU A 146 -5.70 1.47 -3.62
N LEU A 147 -6.54 0.63 -4.17
CA LEU A 147 -6.55 -0.80 -3.84
C LEU A 147 -7.22 -1.52 -5.00
N LYS A 148 -6.72 -2.69 -5.36
CA LYS A 148 -7.40 -3.54 -6.34
C LYS A 148 -7.66 -4.88 -5.72
N VAL A 149 -8.89 -5.36 -5.85
CA VAL A 149 -9.29 -6.62 -5.21
C VAL A 149 -9.63 -7.60 -6.32
N TYR A 150 -8.82 -8.66 -6.45
CA TYR A 150 -9.01 -9.65 -7.51
C TYR A 150 -9.67 -10.92 -6.98
N ALA A 151 -10.59 -11.48 -7.74
CA ALA A 151 -11.09 -12.81 -7.46
C ALA A 151 -9.99 -13.82 -7.75
N THR A 152 -9.98 -14.90 -6.97
CA THR A 152 -9.06 -16.02 -7.18
C THR A 152 -9.90 -17.27 -7.45
N ASP A 153 -9.22 -18.40 -7.60
CA ASP A 153 -9.86 -19.68 -7.79
C ASP A 153 -10.65 -20.13 -6.56
N ASN A 154 -10.48 -19.44 -5.44
CA ASN A 154 -11.18 -19.80 -4.21
C ASN A 154 -12.30 -18.84 -3.83
N THR A 155 -12.38 -17.70 -4.51
CA THR A 155 -13.47 -16.74 -4.28
C THR A 155 -14.83 -17.40 -4.49
N ASP A 156 -15.78 -17.03 -3.63
CA ASP A 156 -17.18 -17.44 -3.79
C ASP A 156 -17.74 -16.60 -4.95
N MET A 157 -17.83 -17.19 -6.12
CA MET A 157 -18.20 -16.42 -7.31
C MET A 157 -19.69 -16.08 -7.37
N ALA A 158 -20.53 -16.87 -6.70
CA ALA A 158 -21.97 -16.48 -6.55
C ALA A 158 -22.08 -15.21 -5.72
N ALA A 159 -21.31 -15.14 -4.62
CA ALA A 159 -21.35 -13.93 -3.76
C ALA A 159 -20.71 -12.75 -4.48
N TRP A 160 -19.63 -13.04 -5.20
CA TRP A 160 -18.97 -12.01 -6.04
C TRP A 160 -19.95 -11.40 -7.07
N SER A 161 -20.66 -12.27 -7.79
CA SER A 161 -21.63 -11.81 -8.80
CA SER A 161 -21.62 -11.78 -8.79
C SER A 161 -22.77 -11.02 -8.13
N GLU A 162 -23.22 -11.48 -6.97
CA GLU A 162 -24.28 -10.80 -6.23
C GLU A 162 -23.85 -9.39 -5.77
N LEU A 163 -22.61 -9.27 -5.33
CA LEU A 163 -22.05 -7.98 -4.95
C LEU A 163 -22.00 -7.05 -6.17
N LEU A 164 -21.54 -7.57 -7.30
CA LEU A 164 -21.48 -6.74 -8.50
C LEU A 164 -22.87 -6.26 -8.91
N ALA A 165 -23.87 -7.14 -8.85
CA ALA A 165 -25.23 -6.74 -9.26
C ALA A 165 -25.77 -5.65 -8.32
N ARG A 166 -25.35 -5.72 -7.07
CA ARG A 166 -25.79 -4.76 -6.05
C ARG A 166 -25.24 -3.34 -6.27
N PHE A 167 -24.00 -3.24 -6.79
CA PHE A 167 -23.30 -1.97 -6.85
C PHE A 167 -22.93 -1.45 -8.23
N ILE A 168 -22.96 -2.31 -9.27
CA ILE A 168 -22.71 -1.80 -10.62
C ILE A 168 -23.82 -0.87 -11.09
N THR A 169 -23.40 0.23 -11.71
CA THR A 169 -24.36 1.18 -12.29
C THR A 169 -24.06 1.37 -13.76
N ASP A 170 -25.10 1.61 -14.55
CA ASP A 170 -24.91 1.93 -15.96
CA ASP A 170 -24.91 1.93 -15.96
C ASP A 170 -24.44 3.37 -16.20
N GLU A 171 -24.59 4.21 -15.18
CA GLU A 171 -24.21 5.61 -15.26
C GLU A 171 -22.73 5.77 -14.95
N ASN A 172 -21.97 6.25 -15.92
CA ASN A 172 -20.55 6.44 -15.75
C ASN A 172 -20.26 7.95 -15.67
N THR A 173 -20.49 8.53 -14.50
CA THR A 173 -20.50 9.99 -14.34
C THR A 173 -19.07 10.53 -14.34
N PRO A 174 -18.89 11.81 -14.69
CA PRO A 174 -17.55 12.38 -14.83
C PRO A 174 -16.76 12.32 -13.55
N LEU A 175 -15.46 12.04 -13.68
CA LEU A 175 -14.64 11.79 -12.51
C LEU A 175 -14.38 13.08 -11.68
N GLU A 176 -14.29 14.20 -12.36
CA GLU A 176 -13.98 15.47 -11.68
C GLU A 176 -12.72 15.38 -10.80
N LEU A 177 -11.62 14.98 -11.40
CA LEU A 177 -10.37 14.81 -10.68
C LEU A 177 -9.79 16.15 -10.22
N LYS A 178 -9.01 16.11 -9.14
CA LYS A 178 -8.48 17.30 -8.51
C LYS A 178 -6.98 17.15 -8.28
N ALA A 179 -6.29 18.29 -8.26
CA ALA A 179 -4.86 18.33 -7.88
C ALA A 179 -4.69 17.95 -6.44
N VAL A 180 -3.48 17.52 -6.08
CA VAL A 180 -3.13 17.39 -4.66
C VAL A 180 -3.23 18.76 -4.01
N ASP A 181 -3.55 18.77 -2.71
CA ASP A 181 -3.79 20.03 -2.01
C ASP A 181 -2.59 20.99 -2.13
N ARG A 188 9.83 27.18 9.33
CA ARG A 188 11.04 26.56 9.87
C ARG A 188 10.82 26.14 11.32
N ALA A 189 10.89 24.85 11.58
CA ALA A 189 10.48 24.29 12.88
C ALA A 189 11.58 24.37 13.92
N ASP A 190 11.18 24.28 15.19
CA ASP A 190 12.12 24.15 16.30
C ASP A 190 12.51 22.75 16.48
N ALA A 191 13.79 22.46 16.29
CA ALA A 191 14.27 21.09 16.39
C ALA A 191 14.20 20.55 17.82
N THR A 192 14.55 21.39 18.79
CA THR A 192 14.51 20.96 20.20
C THR A 192 13.07 20.59 20.59
N VAL A 193 12.10 21.40 20.18
CA VAL A 193 10.69 21.12 20.48
C VAL A 193 10.19 19.86 19.80
N VAL A 194 10.51 19.72 18.52
CA VAL A 194 10.09 18.52 17.77
C VAL A 194 10.67 17.26 18.42
N GLU A 195 11.94 17.33 18.81
CA GLU A 195 12.59 16.21 19.46
C GLU A 195 11.95 15.88 20.79
N GLN A 196 11.73 16.91 21.63
CA GLN A 196 11.15 16.66 22.96
C GLN A 196 9.74 16.05 22.86
N GLU A 197 8.92 16.56 21.95
CA GLU A 197 7.58 15.99 21.72
C GLU A 197 7.63 14.55 21.12
N TRP A 198 8.65 14.25 20.30
CA TRP A 198 8.81 12.91 19.77
C TRP A 198 9.14 11.96 20.91
N ARG A 199 10.09 12.35 21.78
CA ARG A 199 10.51 11.51 22.91
C ARG A 199 9.39 11.28 23.91
N ALA A 200 8.41 12.19 23.90
CA ALA A 200 7.34 12.18 24.89
C ALA A 200 6.15 11.36 24.41
N MET A 201 6.18 10.90 23.16
CA MET A 201 5.07 10.09 22.65
C MET A 201 5.03 8.78 23.45
N THR A 202 3.86 8.15 23.47
CA THR A 202 3.71 6.88 24.17
C THR A 202 3.15 5.82 23.23
N ASP A 203 3.10 6.13 21.94
CA ASP A 203 2.63 5.14 20.96
C ASP A 203 2.96 5.66 19.57
N VAL A 204 3.36 4.76 18.65
CA VAL A 204 3.75 5.21 17.30
C VAL A 204 2.61 5.85 16.53
N HIS A 205 1.38 5.54 16.91
CA HIS A 205 0.23 6.08 16.19
C HIS A 205 -0.02 7.57 16.46
N GLN A 206 0.78 8.14 17.37
CA GLN A 206 0.70 9.58 17.67
C GLN A 206 1.60 10.38 16.71
N PHE A 207 2.49 9.68 16.00
CA PHE A 207 3.54 10.37 15.22
C PHE A 207 2.96 11.19 14.07
N PHE A 208 1.95 10.64 13.37
CA PHE A 208 1.34 11.38 12.28
C PHE A 208 0.77 12.73 12.79
N THR A 209 0.14 12.72 13.97
CA THR A 209 -0.47 13.92 14.57
C THR A 209 0.63 14.91 14.90
N LEU A 210 1.78 14.40 15.34
CA LEU A 210 2.94 15.26 15.60
C LEU A 210 3.42 15.97 14.34
N LEU A 211 3.58 15.23 13.26
CA LEU A 211 3.97 15.81 11.99
C LEU A 211 2.95 16.88 11.52
N LYS A 212 1.67 16.55 11.65
CA LYS A 212 0.60 17.42 11.20
C LYS A 212 0.64 18.77 11.97
N ARG A 213 0.80 18.71 13.28
CA ARG A 213 0.88 19.91 14.12
C ARG A 213 2.04 20.83 13.68
N HIS A 214 3.23 20.27 13.49
CA HIS A 214 4.40 21.04 13.15
C HIS A 214 4.46 21.28 11.66
N ASN A 215 3.42 20.85 10.97
CA ASN A 215 3.37 20.97 9.53
C ASN A 215 4.67 20.44 8.85
N LEU A 216 5.10 19.24 9.23
CA LEU A 216 6.38 18.68 8.68
C LEU A 216 6.09 17.49 7.78
N THR A 217 6.87 17.28 6.73
CA THR A 217 6.95 15.91 6.13
C THR A 217 7.75 14.95 7.04
N ARG A 218 7.67 13.65 6.80
CA ARG A 218 8.47 12.71 7.59
C ARG A 218 9.94 13.09 7.51
N GLN A 219 10.45 13.23 6.29
CA GLN A 219 11.89 13.51 6.14
C GLN A 219 12.31 14.83 6.80
N GLN A 220 11.46 15.86 6.71
CA GLN A 220 11.80 17.10 7.42
C GLN A 220 11.97 16.86 8.91
N ALA A 221 11.04 16.10 9.50
CA ALA A 221 11.18 15.73 10.92
C ALA A 221 12.46 14.95 11.21
N PHE A 222 12.77 14.01 10.33
CA PHE A 222 13.96 13.15 10.54
C PHE A 222 15.24 13.99 10.51
N ASN A 223 15.29 14.99 9.61
CA ASN A 223 16.45 15.86 9.49
C ASN A 223 16.63 16.77 10.71
N LEU A 224 15.55 17.03 11.45
CA LEU A 224 15.60 17.96 12.60
C LEU A 224 16.17 17.31 13.87
N VAL A 225 15.86 16.03 14.09
CA VAL A 225 16.01 15.42 15.41
C VAL A 225 17.36 14.70 15.50
N ALA A 226 17.75 14.30 16.72
CA ALA A 226 19.06 13.68 16.93
C ALA A 226 19.12 12.33 16.22
N ASP A 227 20.34 11.80 16.04
CA ASP A 227 20.52 10.59 15.24
C ASP A 227 19.97 9.36 15.97
N ASP A 228 19.90 9.40 17.30
CA ASP A 228 19.32 8.27 18.02
C ASP A 228 17.81 8.11 17.79
N LEU A 229 17.16 9.16 17.29
CA LEU A 229 15.75 9.09 16.87
C LEU A 229 15.56 8.82 15.39
N ALA A 230 16.40 9.43 14.57
CA ALA A 230 16.31 9.25 13.12
C ALA A 230 17.70 9.37 12.53
N CYS A 231 18.18 8.27 11.93
CA CYS A 231 19.54 8.17 11.41
C CYS A 231 19.47 7.73 9.98
N LYS A 232 20.14 8.48 9.11
CA LYS A 232 20.18 8.10 7.69
C LYS A 232 21.11 6.92 7.52
N VAL A 233 20.68 5.93 6.75
CA VAL A 233 21.50 4.75 6.50
C VAL A 233 21.65 4.53 5.00
N SER A 234 22.44 3.53 4.61
CA SER A 234 22.68 3.27 3.19
C SER A 234 21.39 3.03 2.43
N ASN A 235 21.36 3.48 1.18
CA ASN A 235 20.21 3.17 0.34
C ASN A 235 20.15 1.69 -0.04
N SER A 236 21.22 0.95 0.28
CA SER A 236 21.18 -0.52 0.14
C SER A 236 20.58 -1.21 1.37
N ALA A 237 20.08 -0.44 2.34
CA ALA A 237 19.61 -1.01 3.58
C ALA A 237 18.44 -1.97 3.42
N LEU A 238 17.53 -1.68 2.49
CA LEU A 238 16.40 -2.57 2.31
C LEU A 238 16.91 -3.93 1.83
N ALA A 239 17.79 -3.93 0.83
CA ALA A 239 18.34 -5.20 0.35
C ALA A 239 19.03 -5.96 1.50
N GLN A 240 19.78 -5.24 2.29
CA GLN A 240 20.52 -5.85 3.41
C GLN A 240 19.56 -6.47 4.40
N ILE A 241 18.51 -5.73 4.78
CA ILE A 241 17.58 -6.21 5.79
C ILE A 241 16.75 -7.40 5.29
N LEU A 242 16.35 -7.36 4.01
CA LEU A 242 15.59 -8.49 3.48
C LEU A 242 16.48 -9.75 3.40
N GLU A 243 17.76 -9.58 3.04
CA GLU A 243 18.68 -10.72 3.04
C GLU A 243 18.86 -11.28 4.46
N SER A 244 19.03 -10.39 5.44
CA SER A 244 19.19 -10.85 6.84
C SER A 244 17.91 -11.55 7.32
N ALA A 245 16.75 -10.99 7.00
CA ALA A 245 15.48 -11.60 7.45
C ALA A 245 15.28 -12.95 6.81
N GLN A 246 15.59 -13.07 5.52
CA GLN A 246 15.47 -14.35 4.88
C GLN A 246 16.39 -15.41 5.51
N GLN A 247 17.64 -15.02 5.80
CA GLN A 247 18.63 -15.90 6.45
C GLN A 247 18.22 -16.27 7.86
N ASP A 248 17.73 -15.30 8.64
CA ASP A 248 17.51 -15.53 10.07
C ASP A 248 16.14 -16.09 10.38
N GLY A 249 15.18 -15.90 9.47
CA GLY A 249 13.84 -16.46 9.67
C GLY A 249 13.00 -15.82 10.76
N ASN A 250 13.26 -14.54 11.04
CA ASN A 250 12.48 -13.80 12.04
C ASN A 250 11.31 -13.06 11.37
N GLU A 251 10.20 -12.92 12.09
CA GLU A 251 9.04 -12.22 11.52
C GLU A 251 9.28 -10.73 11.42
N ILE A 252 8.90 -10.16 10.29
CA ILE A 252 8.91 -8.71 10.11
C ILE A 252 7.55 -8.20 9.62
N MET A 253 7.40 -6.89 9.62
CA MET A 253 6.24 -6.25 9.01
C MET A 253 6.74 -5.44 7.82
N VAL A 254 6.02 -5.54 6.71
CA VAL A 254 6.35 -4.69 5.53
C VAL A 254 5.09 -3.87 5.20
N PHE A 255 5.20 -2.55 5.31
CA PHE A 255 4.06 -1.63 5.04
C PHE A 255 4.30 -1.02 3.67
N VAL A 256 3.28 -1.08 2.81
CA VAL A 256 3.34 -0.37 1.52
C VAL A 256 2.00 0.32 1.34
N GLY A 257 2.05 1.62 1.05
CA GLY A 257 0.80 2.37 0.95
C GLY A 257 0.85 3.56 0.05
N ASN A 258 -0.30 4.23 0.01
CA ASN A 258 -0.48 5.43 -0.79
C ASN A 258 -1.35 6.36 0.07
N ARG A 259 -1.85 7.46 -0.51
CA ARG A 259 -2.55 8.44 0.31
C ARG A 259 -3.82 7.93 0.98
N GLY A 260 -4.41 6.85 0.45
CA GLY A 260 -5.66 6.35 0.98
C GLY A 260 -5.67 4.98 1.60
N CYS A 261 -4.59 4.23 1.46
CA CYS A 261 -4.62 2.81 1.79
C CYS A 261 -3.19 2.34 2.09
N VAL A 262 -3.03 1.58 3.18
CA VAL A 262 -1.72 0.95 3.49
C VAL A 262 -2.00 -0.54 3.74
N GLN A 263 -1.21 -1.39 3.10
CA GLN A 263 -1.35 -2.82 3.23
C GLN A 263 -0.10 -3.33 3.97
N ILE A 264 -0.32 -4.22 4.93
CA ILE A 264 0.74 -4.60 5.86
C ILE A 264 0.94 -6.11 5.85
N PHE A 265 2.13 -6.54 5.47
CA PHE A 265 2.49 -7.97 5.57
C PHE A 265 3.16 -8.21 6.90
N THR A 266 2.77 -9.28 7.58
CA THR A 266 3.51 -9.72 8.79
C THR A 266 3.89 -11.17 8.60
N GLY A 267 5.17 -11.49 8.84
CA GLY A 267 5.60 -12.89 8.74
C GLY A 267 7.05 -13.03 8.35
N VAL A 268 7.44 -14.27 8.07
CA VAL A 268 8.82 -14.59 7.72
C VAL A 268 9.02 -14.37 6.22
N VAL A 269 10.18 -13.82 5.86
CA VAL A 269 10.54 -13.60 4.45
C VAL A 269 11.16 -14.90 3.93
N GLU A 270 10.44 -15.59 3.05
CA GLU A 270 10.89 -16.93 2.59
C GLU A 270 11.84 -16.91 1.40
N LYS A 271 11.66 -15.99 0.49
CA LYS A 271 12.42 -15.94 -0.75
C LYS A 271 12.54 -14.49 -1.20
N VAL A 272 13.77 -14.06 -1.46
CA VAL A 272 14.04 -12.71 -1.98
C VAL A 272 14.77 -12.92 -3.30
N VAL A 273 14.23 -12.33 -4.35
CA VAL A 273 14.75 -12.58 -5.69
C VAL A 273 14.69 -11.34 -6.56
N PRO A 274 15.87 -10.87 -7.03
CA PRO A 274 15.81 -9.77 -7.98
C PRO A 274 15.39 -10.28 -9.35
N MET A 275 14.44 -9.59 -9.99
CA MET A 275 13.96 -10.03 -11.29
C MET A 275 13.35 -8.88 -12.03
N LYS A 276 13.66 -8.78 -13.32
CA LYS A 276 13.04 -7.82 -14.23
C LYS A 276 13.12 -6.36 -13.73
N GLY A 277 14.24 -6.02 -13.09
CA GLY A 277 14.48 -4.65 -12.64
C GLY A 277 13.86 -4.31 -11.25
N TRP A 278 13.41 -5.31 -10.47
CA TRP A 278 12.76 -5.13 -9.14
C TRP A 278 13.33 -6.11 -8.10
N LEU A 279 13.34 -5.68 -6.83
CA LEU A 279 13.62 -6.55 -5.72
C LEU A 279 12.32 -7.18 -5.22
N ASN A 280 12.22 -8.51 -5.27
CA ASN A 280 10.95 -9.18 -4.98
C ASN A 280 11.00 -10.06 -3.76
N ILE A 281 9.91 -10.05 -2.97
CA ILE A 281 9.69 -11.14 -2.00
C ILE A 281 8.63 -12.06 -2.57
N PHE A 282 8.93 -13.35 -2.66
CA PHE A 282 7.96 -14.32 -3.13
C PHE A 282 7.59 -15.30 -2.03
N ASN A 283 6.56 -14.94 -1.29
CA ASN A 283 6.04 -15.72 -0.18
C ASN A 283 4.78 -16.46 -0.59
N PRO A 284 4.30 -17.37 0.26
CA PRO A 284 3.17 -18.21 -0.16
C PRO A 284 1.86 -17.42 -0.36
N THR A 285 1.63 -16.37 0.41
CA THR A 285 0.39 -15.59 0.31
C THR A 285 0.66 -14.13 0.05
N PHE A 286 1.94 -13.76 -0.09
CA PHE A 286 2.34 -12.36 -0.18
C PHE A 286 3.45 -12.22 -1.22
N THR A 287 3.35 -11.20 -2.06
CA THR A 287 4.44 -10.84 -2.96
C THR A 287 4.74 -9.35 -2.78
N LEU A 288 6.02 -9.00 -2.69
CA LEU A 288 6.46 -7.61 -2.75
C LEU A 288 7.26 -7.42 -4.04
N HIS A 289 7.00 -6.32 -4.75
CA HIS A 289 7.88 -5.87 -5.83
C HIS A 289 8.31 -4.47 -5.47
N LEU A 290 9.62 -4.25 -5.34
CA LEU A 290 10.12 -2.93 -5.01
C LEU A 290 11.21 -2.49 -5.98
N LEU A 291 11.06 -1.31 -6.56
CA LEU A 291 12.05 -0.80 -7.53
C LEU A 291 13.29 -0.21 -6.79
N GLU A 292 14.35 -0.99 -6.59
CA GLU A 292 15.43 -0.60 -5.68
C GLU A 292 16.13 0.71 -6.01
N GLU A 293 16.32 0.99 -7.35
CA GLU A 293 16.95 2.24 -7.73
C GLU A 293 16.04 3.44 -7.42
N SER A 294 14.80 3.19 -6.96
CA SER A 294 13.91 4.31 -6.59
C SER A 294 14.20 4.84 -5.18
N ILE A 295 14.97 4.10 -4.38
CA ILE A 295 15.24 4.57 -3.03
C ILE A 295 16.25 5.71 -3.09
N ALA A 296 15.82 6.90 -2.67
CA ALA A 296 16.67 8.07 -2.61
C ALA A 296 17.19 8.33 -1.18
N GLU A 297 16.41 7.99 -0.17
CA GLU A 297 16.83 8.14 1.21
C GLU A 297 16.26 6.97 2.03
N ALA A 298 17.08 6.47 2.96
CA ALA A 298 16.68 5.39 3.85
C ALA A 298 16.99 5.86 5.27
N TRP A 299 16.02 5.69 6.18
CA TRP A 299 16.17 6.16 7.57
C TRP A 299 15.87 5.05 8.54
N VAL A 300 16.67 4.97 9.61
CA VAL A 300 16.31 4.12 10.75
C VAL A 300 15.74 5.06 11.81
N THR A 301 14.53 4.78 12.24
CA THR A 301 13.87 5.64 13.21
C THR A 301 13.47 4.88 14.44
N ARG A 302 13.51 5.56 15.60
CA ARG A 302 13.12 4.94 16.84
C ARG A 302 11.98 5.78 17.45
N LYS A 303 10.86 5.14 17.78
CA LYS A 303 9.67 5.82 18.32
C LYS A 303 9.18 5.06 19.56
N PRO A 304 8.65 5.81 20.56
CA PRO A 304 8.24 5.16 21.81
C PRO A 304 6.96 4.35 21.65
N THR A 305 6.86 3.25 22.39
CA THR A 305 5.58 2.57 22.61
C THR A 305 5.28 2.67 24.09
N SER A 306 4.17 2.07 24.52
CA SER A 306 3.85 2.07 25.93
C SER A 306 4.75 1.15 26.75
N ASP A 307 5.53 0.33 26.06
CA ASP A 307 6.37 -0.68 26.69
C ASP A 307 7.87 -0.38 26.56
N GLY A 308 8.24 0.54 25.68
CA GLY A 308 9.64 0.77 25.33
C GLY A 308 9.77 1.64 24.09
N TYR A 309 10.61 1.22 23.16
CA TYR A 309 10.63 1.82 21.84
C TYR A 309 10.64 0.77 20.74
N VAL A 310 10.26 1.19 19.54
CA VAL A 310 10.40 0.33 18.35
C VAL A 310 11.21 1.05 17.28
N THR A 311 11.73 0.24 16.37
CA THR A 311 12.71 0.69 15.39
C THR A 311 12.20 0.34 14.00
N SER A 312 12.20 1.33 13.11
CA SER A 312 11.70 1.14 11.75
C SER A 312 12.77 1.46 10.72
N LEU A 313 12.71 0.81 9.56
CA LEU A 313 13.45 1.25 8.37
C LEU A 313 12.45 1.90 7.43
N GLU A 314 12.70 3.16 7.07
CA GLU A 314 11.73 3.93 6.27
C GLU A 314 12.41 4.36 4.97
N LEU A 315 11.76 4.10 3.83
CA LEU A 315 12.37 4.34 2.53
CA LEU A 315 12.38 4.34 2.52
C LEU A 315 11.60 5.41 1.75
N PHE A 316 12.32 6.30 1.08
CA PHE A 316 11.72 7.44 0.39
C PHE A 316 12.30 7.58 -1.02
N ALA A 317 11.44 7.99 -1.96
CA ALA A 317 11.85 8.30 -3.32
C ALA A 317 12.31 9.77 -3.41
N HIS A 318 12.90 10.16 -4.55
CA HIS A 318 13.27 11.57 -4.72
C HIS A 318 12.17 12.57 -4.51
N ASP A 319 10.97 12.24 -4.97
CA ASP A 319 9.85 13.16 -4.82
C ASP A 319 9.28 13.19 -3.38
N GLY A 320 9.87 12.37 -2.49
CA GLY A 320 9.46 12.29 -1.10
C GLY A 320 8.40 11.24 -0.81
N THR A 321 8.00 10.49 -1.84
CA THR A 321 7.03 9.41 -1.66
C THR A 321 7.61 8.42 -0.67
N GLN A 322 6.80 7.99 0.32
CA GLN A 322 7.24 6.88 1.18
C GLN A 322 7.03 5.60 0.37
N ILE A 323 8.11 4.95 0.05
CA ILE A 323 8.08 3.74 -0.77
C ILE A 323 7.57 2.55 0.07
N ALA A 324 8.16 2.38 1.25
CA ALA A 324 7.81 1.28 2.14
C ALA A 324 8.37 1.58 3.53
N GLN A 325 7.87 0.85 4.51
CA GLN A 325 8.41 0.93 5.86
C GLN A 325 8.43 -0.48 6.42
N LEU A 326 9.47 -0.79 7.21
CA LEU A 326 9.60 -2.10 7.84
C LEU A 326 9.72 -1.95 9.35
N TYR A 327 9.18 -2.94 10.06
CA TYR A 327 9.33 -3.11 11.50
C TYR A 327 9.56 -4.58 11.75
N GLY A 328 9.92 -4.92 12.99
CA GLY A 328 9.80 -6.31 13.45
C GLY A 328 8.35 -6.60 13.79
N GLN A 329 7.98 -7.88 13.81
CA GLN A 329 6.67 -8.25 14.34
C GLN A 329 6.62 -7.91 15.83
N ARG A 330 5.48 -7.40 16.29
CA ARG A 330 5.34 -7.11 17.75
C ARG A 330 3.89 -7.10 18.16
N THR A 331 3.61 -7.77 19.27
CA THR A 331 2.29 -7.80 19.89
C THR A 331 2.26 -6.82 21.11
N GLU A 332 1.11 -6.14 21.23
CA GLU A 332 0.88 -5.20 22.30
C GLU A 332 1.35 -5.85 23.59
N GLY A 333 2.18 -5.14 24.35
CA GLY A 333 2.65 -5.65 25.63
C GLY A 333 4.04 -6.28 25.57
N GLU A 334 4.52 -6.55 24.37
CA GLU A 334 5.85 -7.14 24.16
CA GLU A 334 5.84 -7.15 24.22
C GLU A 334 6.88 -6.09 23.87
N GLN A 335 8.12 -6.37 24.27
CA GLN A 335 9.28 -5.61 23.83
C GLN A 335 9.55 -5.89 22.35
N GLU A 336 10.25 -4.96 21.73
CA GLU A 336 10.67 -5.13 20.35
C GLU A 336 11.48 -6.41 20.21
N GLN A 337 11.27 -7.09 19.08
CA GLN A 337 11.95 -8.35 18.79
C GLN A 337 13.46 -8.18 18.78
N ALA A 338 14.16 -9.09 19.48
CA ALA A 338 15.61 -8.98 19.61
C ALA A 338 16.34 -9.10 18.25
N GLN A 339 15.92 -10.07 17.43
CA GLN A 339 16.64 -10.30 16.18
C GLN A 339 16.52 -9.12 15.24
N TRP A 340 15.32 -8.56 15.14
CA TRP A 340 15.10 -7.34 14.37
C TRP A 340 16.04 -6.22 14.82
N ARG A 341 16.11 -5.96 16.14
CA ARG A 341 17.04 -4.92 16.62
C ARG A 341 18.46 -5.17 16.16
N LYS A 342 18.90 -6.41 16.29
CA LYS A 342 20.25 -6.76 15.87
C LYS A 342 20.44 -6.50 14.37
N GLN A 343 19.46 -6.86 13.56
CA GLN A 343 19.58 -6.63 12.11
C GLN A 343 19.69 -5.14 11.80
N ILE A 344 18.83 -4.34 12.43
CA ILE A 344 18.88 -2.88 12.21
C ILE A 344 20.22 -2.29 12.69
N ALA A 345 20.71 -2.78 13.86
CA ALA A 345 21.96 -2.23 14.40
C ALA A 345 23.10 -2.36 13.40
N SER A 346 23.04 -3.39 12.58
CA SER A 346 24.06 -3.64 11.57
CA SER A 346 24.08 -3.62 11.59
C SER A 346 24.11 -2.53 10.53
N LEU A 347 23.04 -1.73 10.44
CA LEU A 347 22.96 -0.66 9.43
C LEU A 347 23.55 0.65 9.90
N ILE A 348 23.71 0.82 11.22
CA ILE A 348 24.01 2.14 11.76
C ILE A 348 25.49 2.43 11.62
N PRO A 349 25.83 3.58 10.99
CA PRO A 349 27.25 3.89 10.75
C PRO A 349 28.10 3.79 12.02
C FMT B . -0.02 -1.87 11.76
O1 FMT B . -0.27 -3.04 11.55
O2 FMT B . -1.04 -1.01 11.92
CHA HEM C . 2.49 0.91 13.20
CHB HEM C . -0.53 -2.31 15.30
CHC HEM C . -4.27 0.57 13.99
CHD HEM C . -1.34 2.85 10.86
C1A HEM C . 1.99 -0.20 13.88
C2A HEM C . 2.79 -1.20 14.51
C3A HEM C . 1.96 -2.13 15.06
C4A HEM C . 0.62 -1.66 14.83
CMA HEM C . 2.36 -3.41 15.79
CAA HEM C . 4.32 -1.28 14.49
CBA HEM C . 4.96 -0.42 15.62
CGA HEM C . 4.79 -1.08 16.98
O1A HEM C . 4.14 -0.47 17.87
O2A HEM C . 5.29 -2.21 17.22
C1B HEM C . -1.83 -1.75 15.18
C2B HEM C . -3.00 -2.28 15.82
C3B HEM C . -4.06 -1.49 15.45
C4B HEM C . -3.50 -0.45 14.56
CMB HEM C . -3.08 -3.49 16.74
CAB HEM C . -5.47 -1.55 15.88
CBB HEM C . -5.90 -2.55 16.64
C1C HEM C . -3.83 1.45 13.00
C2C HEM C . -4.64 2.35 12.25
C3C HEM C . -3.77 2.98 11.38
C4C HEM C . -2.46 2.43 11.54
CMC HEM C . -6.14 2.58 12.39
CAC HEM C . -4.08 4.03 10.38
CBC HEM C . -5.16 3.98 9.59
C1D HEM C . -0.04 2.49 11.31
C2D HEM C . 1.15 3.19 10.79
C3D HEM C . 2.20 2.68 11.47
C4D HEM C . 1.65 1.67 12.38
CMD HEM C . 1.17 4.25 9.69
CAD HEM C . 3.65 3.12 11.38
CBD HEM C . 3.83 4.32 12.34
CGD HEM C . 5.17 5.02 12.19
O1D HEM C . 5.18 6.25 11.93
O2D HEM C . 6.27 4.46 12.37
NA HEM C . 0.65 -0.47 14.10
NB HEM C . -2.18 -0.66 14.47
NC HEM C . -2.52 1.50 12.54
ND HEM C . 0.30 1.59 12.25
FE HEM C . -0.89 0.52 13.34
C1 EDO D . 0.88 13.73 20.00
O1 EDO D . 0.85 13.60 18.57
C2 EDO D . 2.27 13.34 20.46
O2 EDO D . 3.13 14.47 20.23
C1 EDO E . -0.01 11.15 -15.64
O1 EDO E . 0.05 9.78 -16.05
C2 EDO E . -0.57 11.13 -14.24
O2 EDO E . 0.13 10.15 -13.46
C1 EDO F . -17.93 -2.77 12.13
O1 EDO F . -16.84 -3.22 12.96
C2 EDO F . -17.48 -1.58 11.28
O2 EDO F . -16.46 -1.97 10.35
C1 EDO G . -2.89 -0.87 -8.55
O1 EDO G . -2.08 -1.92 -9.03
C2 EDO G . -2.65 -0.93 -7.08
O2 EDO G . -3.85 -1.12 -6.38
C1 EDO H . -20.54 -7.35 -14.96
O1 EDO H . -21.60 -8.23 -14.67
C2 EDO H . -19.43 -8.14 -15.65
O2 EDO H . -18.84 -9.14 -14.76
C1 EDO I . 12.39 7.11 21.28
O1 EDO I . 11.93 8.10 22.21
C2 EDO I . 13.33 6.13 21.95
O2 EDO I . 12.69 5.71 23.17
C1 EDO J . 2.76 -14.73 8.39
O1 EDO J . 3.03 -16.12 8.51
C2 EDO J . 3.09 -14.31 7.01
O2 EDO J . 1.83 -14.09 6.52
C1 EDO K . 8.43 -9.88 -11.04
O1 EDO K . 7.78 -8.61 -11.29
C2 EDO K . 7.64 -11.05 -11.61
O2 EDO K . 6.57 -11.44 -10.71
C1 EDO L . 19.78 14.36 10.39
O1 EDO L . 20.35 13.06 10.19
C2 EDO L . 19.31 14.45 11.83
O2 EDO L . 18.98 13.15 12.30
C1 EDO M . 22.91 -10.05 12.26
O1 EDO M . 22.63 -8.73 11.75
C2 EDO M . 21.85 -11.04 11.77
O2 EDO M . 21.70 -10.99 10.33
C1 EDO N . 0.36 -13.18 -3.61
O1 EDO N . 1.03 -12.62 -4.75
C2 EDO N . 0.75 -14.64 -3.42
O2 EDO N . 0.45 -15.40 -4.58
C1 EDO O . -3.86 -10.82 -10.99
O1 EDO O . -4.60 -11.91 -10.39
C2 EDO O . -3.06 -10.12 -9.89
O2 EDO O . -1.68 -10.02 -10.25
#